data_1IH6
#
_entry.id   1IH6
#
_cell.length_a   41.170
_cell.length_b   41.170
_cell.length_c   175.120
_cell.angle_alpha   90.00
_cell.angle_beta   90.00
_cell.angle_gamma   120.00
#
_symmetry.space_group_name_H-M   'P 32 2 1'
#
loop_
_entity.id
_entity.type
_entity.pdbx_description
1 polymer "5'-D(*GP*GP*(CBR)P*GP*CP*C)-3'"
2 water water
#
_entity_poly.entity_id   1
_entity_poly.type   'polydeoxyribonucleotide'
_entity_poly.pdbx_seq_one_letter_code
;(DG)(DG)(CBR)(DG)(DC)(DC)
;
_entity_poly.pdbx_strand_id   A,B,C,D,E,F,G,H
#